data_8DAE
#
_entry.id   8DAE
#
_cell.length_a   80.717
_cell.length_b   80.717
_cell.length_c   181.757
_cell.angle_alpha   90.000
_cell.angle_beta   90.000
_cell.angle_gamma   90.000
#
_symmetry.space_group_name_H-M   'P 42 21 2'
#
loop_
_entity.id
_entity.type
_entity.pdbx_description
1 polymer 'Bifunctional dihydrofolate reductase-thymidylate synthase 1'
2 water water
#
_entity_poly.entity_id   1
_entity_poly.type   'polypeptide(L)'
_entity_poly.pdbx_seq_one_letter_code
;MRGSHHHHHHGSENLYFQATTTLNDSVTTTLASEPQRTYQVVVAATKEMGIGKDGKLPWNLPTDLKFFKDITLTTSDSSK
KNAVVMGRKTWESIPIKYRPLSGRLNVVLTRSGGFDIANTENVVTCSSVDSALDLLAAPPYCLSIERVFVIGGGDILREA
LNRPSCDAIHLTEIDTSVDCDTFIPAIDTSVYQPWSSSFPVTENGLRFCFTTFVRVKSSADESSDESNGSQSLQFDGKKF
LFLPKMVFDQHEEFLYLNMVEDIISNGNVKNDRTGTGTLSKFGCQMKFNLRRSFPLLTTKRVFWRGVVEELLWFISGSTN
AKVLQEKGIHIWDGNASREYLDGIGLTEREEGDLGPVYGFQWRHFGAKYTDMHADYTGQGFDQLVDVIDKIKNNPDDRRI
IMSAWNPSDLKLMALPPCHMFAQFYVAEGELSCQMYQRSADMGLGVPFNIASYSLLTCMLAHVCDLVPGDFIHVLGDAHV
YKTHVRPLQEQLLNLPKPFPVMKINPEKKQIDSFVASDFDLTGYDPHKKIEMKMAV
;
_entity_poly.pdbx_strand_id   A
#
# COMPACT_ATOMS: atom_id res chain seq x y z
N GLN A 36 -26.31 -7.83 20.60
CA GLN A 36 -26.39 -7.93 19.09
C GLN A 36 -24.98 -8.00 18.51
N ARG A 37 -24.66 -9.14 17.88
CA ARG A 37 -23.31 -9.39 17.31
C ARG A 37 -23.04 -8.47 16.10
N THR A 38 -21.76 -8.32 15.75
CA THR A 38 -21.34 -7.54 14.55
C THR A 38 -21.00 -8.54 13.44
N TYR A 39 -20.78 -8.04 12.23
CA TYR A 39 -20.55 -8.94 11.07
C TYR A 39 -19.58 -8.30 10.08
N GLN A 40 -19.16 -9.13 9.14
CA GLN A 40 -18.32 -8.71 7.99
C GLN A 40 -19.01 -9.23 6.74
N VAL A 41 -18.96 -8.47 5.67
CA VAL A 41 -19.49 -8.84 4.34
C VAL A 41 -18.39 -9.48 3.51
N VAL A 42 -18.77 -10.55 2.82
CA VAL A 42 -17.94 -11.24 1.78
C VAL A 42 -18.74 -11.19 0.48
N VAL A 43 -18.25 -10.50 -0.56
CA VAL A 43 -18.94 -10.39 -1.88
C VAL A 43 -17.95 -10.22 -3.04
N ALA A 44 -18.29 -10.79 -4.20
CA ALA A 44 -17.60 -10.65 -5.50
C ALA A 44 -18.42 -9.70 -6.40
N ALA A 45 -17.78 -8.73 -7.07
CA ALA A 45 -18.49 -7.66 -7.81
C ALA A 45 -17.65 -7.15 -8.99
N THR A 46 -18.31 -6.88 -10.13
CA THR A 46 -17.70 -6.25 -11.34
C THR A 46 -17.29 -4.80 -11.04
N LYS A 47 -16.60 -4.15 -11.98
CA LYS A 47 -16.28 -2.69 -11.92
C LYS A 47 -17.57 -1.92 -11.66
N GLU A 48 -18.59 -2.17 -12.50
CA GLU A 48 -19.96 -1.57 -12.46
C GLU A 48 -20.70 -2.01 -11.17
N MET A 49 -20.02 -2.76 -10.28
CA MET A 49 -20.53 -3.23 -8.94
C MET A 49 -21.66 -4.27 -9.13
N GLY A 50 -21.64 -5.02 -10.23
CA GLY A 50 -22.61 -6.09 -10.55
C GLY A 50 -22.22 -7.40 -9.90
N ILE A 51 -23.21 -8.16 -9.41
CA ILE A 51 -22.99 -9.43 -8.65
C ILE A 51 -23.68 -10.65 -9.32
N GLY A 52 -24.60 -10.47 -10.28
CA GLY A 52 -25.30 -11.58 -10.96
C GLY A 52 -25.85 -11.23 -12.33
N LYS A 53 -26.02 -12.24 -13.20
CA LYS A 53 -26.39 -12.11 -14.64
C LYS A 53 -27.87 -12.46 -14.83
N ASP A 54 -28.25 -13.74 -14.72
CA ASP A 54 -29.67 -14.17 -14.71
C ASP A 54 -29.84 -15.24 -13.62
N GLY A 55 -29.74 -14.82 -12.34
CA GLY A 55 -29.64 -15.72 -11.16
C GLY A 55 -28.38 -16.58 -11.18
N LYS A 56 -27.43 -16.26 -12.07
CA LYS A 56 -26.13 -16.95 -12.26
C LYS A 56 -24.99 -15.95 -11.97
N LEU A 57 -23.74 -16.42 -11.93
CA LEU A 57 -22.52 -15.55 -11.94
C LEU A 57 -21.98 -15.47 -13.37
N PRO A 58 -21.75 -14.26 -13.93
CA PRO A 58 -21.18 -14.15 -15.27
C PRO A 58 -19.65 -14.36 -15.31
N TRP A 59 -19.12 -15.14 -14.36
CA TRP A 59 -17.68 -15.47 -14.27
C TRP A 59 -17.51 -16.79 -13.51
N ASN A 60 -16.44 -17.53 -13.81
CA ASN A 60 -15.99 -18.71 -13.02
C ASN A 60 -14.55 -18.45 -12.55
N LEU A 61 -14.37 -18.36 -11.22
CA LEU A 61 -13.10 -17.97 -10.55
C LEU A 61 -12.83 -18.89 -9.37
N PRO A 62 -12.22 -20.08 -9.59
CA PRO A 62 -11.97 -21.01 -8.49
C PRO A 62 -11.14 -20.34 -7.37
N THR A 63 -10.22 -19.42 -7.72
CA THR A 63 -9.39 -18.71 -6.69
C THR A 63 -10.30 -17.94 -5.74
N ASP A 64 -11.34 -17.26 -6.26
CA ASP A 64 -12.31 -16.52 -5.42
C ASP A 64 -13.17 -17.50 -4.59
N LEU A 65 -13.61 -18.61 -5.15
CA LEU A 65 -14.38 -19.64 -4.37
C LEU A 65 -13.53 -20.10 -3.19
N LYS A 66 -12.24 -20.39 -3.41
CA LYS A 66 -11.31 -20.82 -2.33
C LYS A 66 -11.18 -19.73 -1.28
N PHE A 67 -10.96 -18.48 -1.70
CA PHE A 67 -10.93 -17.33 -0.77
C PHE A 67 -12.24 -17.32 0.04
N PHE A 68 -13.38 -17.40 -0.64
CA PHE A 68 -14.69 -17.40 0.06
C PHE A 68 -14.66 -18.52 1.11
N LYS A 69 -14.25 -19.71 0.71
CA LYS A 69 -14.24 -20.89 1.63
C LYS A 69 -13.33 -20.54 2.81
N ASP A 70 -12.09 -20.19 2.51
CA ASP A 70 -11.05 -19.93 3.54
C ASP A 70 -11.57 -18.90 4.54
N ILE A 71 -12.10 -17.77 4.09
CA ILE A 71 -12.41 -16.66 5.03
C ILE A 71 -13.66 -17.03 5.86
N THR A 72 -14.62 -17.79 5.30
CA THR A 72 -15.88 -18.10 6.03
C THR A 72 -15.65 -19.29 6.97
N LEU A 73 -14.92 -20.32 6.52
CA LEU A 73 -14.71 -21.59 7.27
C LEU A 73 -13.73 -21.39 8.43
N THR A 74 -12.49 -20.94 8.17
CA THR A 74 -11.37 -21.06 9.14
C THR A 74 -11.61 -20.15 10.36
N THR A 75 -11.16 -20.60 11.53
CA THR A 75 -11.32 -19.88 12.83
C THR A 75 -9.96 -19.72 13.52
N SER A 76 -9.80 -18.73 14.39
CA SER A 76 -8.66 -18.70 15.35
C SER A 76 -8.70 -19.96 16.24
N ASP A 77 -9.82 -20.18 16.93
CA ASP A 77 -10.08 -21.35 17.80
C ASP A 77 -10.56 -22.55 16.96
N SER A 78 -9.81 -23.65 16.94
CA SER A 78 -10.14 -24.90 16.18
C SER A 78 -11.41 -25.58 16.73
N SER A 79 -11.93 -25.13 17.87
CA SER A 79 -13.16 -25.69 18.53
C SER A 79 -14.41 -24.94 18.04
N LYS A 80 -14.32 -23.59 18.00
CA LYS A 80 -15.41 -22.68 17.57
C LYS A 80 -15.65 -22.81 16.06
N LYS A 81 -16.69 -22.16 15.56
CA LYS A 81 -17.00 -22.10 14.11
C LYS A 81 -17.53 -20.71 13.76
N ASN A 82 -17.73 -20.45 12.47
CA ASN A 82 -18.30 -19.17 11.98
C ASN A 82 -19.77 -19.35 11.55
N ALA A 83 -20.54 -18.27 11.62
CA ALA A 83 -21.89 -18.18 11.03
C ALA A 83 -21.80 -17.47 9.68
N VAL A 84 -22.43 -18.06 8.66
CA VAL A 84 -22.70 -17.44 7.34
C VAL A 84 -24.19 -17.13 7.24
N VAL A 85 -24.53 -15.85 7.12
CA VAL A 85 -25.92 -15.31 7.04
C VAL A 85 -26.23 -15.01 5.57
N MET A 86 -27.33 -15.55 5.05
CA MET A 86 -27.67 -15.44 3.61
C MET A 86 -29.18 -15.36 3.40
N GLY A 87 -29.60 -14.83 2.23
CA GLY A 87 -31.02 -14.75 1.83
C GLY A 87 -31.48 -16.08 1.24
N ARG A 88 -32.80 -16.34 1.27
CA ARG A 88 -33.39 -17.60 0.69
C ARG A 88 -32.87 -17.77 -0.74
N LYS A 89 -32.85 -16.67 -1.52
CA LYS A 89 -32.42 -16.68 -2.94
C LYS A 89 -31.00 -17.26 -3.01
N THR A 90 -30.08 -16.74 -2.19
CA THR A 90 -28.68 -17.27 -2.06
C THR A 90 -28.69 -18.74 -1.61
N TRP A 91 -29.48 -19.11 -0.58
CA TRP A 91 -29.54 -20.51 -0.10
C TRP A 91 -29.91 -21.43 -1.28
N GLU A 92 -30.95 -21.08 -2.06
CA GLU A 92 -31.46 -21.94 -3.17
C GLU A 92 -30.44 -21.95 -4.33
N SER A 93 -29.72 -20.86 -4.55
CA SER A 93 -28.70 -20.73 -5.65
C SER A 93 -27.64 -21.84 -5.53
N ILE A 94 -27.30 -22.20 -4.29
CA ILE A 94 -26.26 -23.23 -3.96
C ILE A 94 -26.76 -24.57 -4.46
N PRO A 95 -25.96 -25.33 -5.25
CA PRO A 95 -26.36 -26.66 -5.72
C PRO A 95 -26.80 -27.52 -4.53
N ILE A 96 -27.85 -28.34 -4.73
CA ILE A 96 -28.62 -29.04 -3.65
C ILE A 96 -27.71 -30.04 -2.94
N LYS A 97 -26.55 -30.39 -3.53
CA LYS A 97 -25.60 -31.42 -3.02
C LYS A 97 -24.72 -30.79 -1.93
N TYR A 98 -24.30 -29.54 -2.12
CA TYR A 98 -23.27 -28.86 -1.27
C TYR A 98 -23.94 -27.98 -0.22
N ARG A 99 -25.26 -28.15 -0.01
CA ARG A 99 -25.96 -27.53 1.13
C ARG A 99 -25.94 -28.47 2.33
N PRO A 100 -25.87 -27.95 3.58
CA PRO A 100 -25.48 -26.56 3.85
C PRO A 100 -23.98 -26.38 3.58
N LEU A 101 -23.51 -25.13 3.62
CA LEU A 101 -22.05 -24.81 3.54
C LEU A 101 -21.40 -25.52 4.72
N SER A 102 -20.61 -26.57 4.45
CA SER A 102 -20.01 -27.44 5.50
C SER A 102 -19.06 -26.64 6.40
N GLY A 103 -19.02 -26.95 7.69
CA GLY A 103 -18.05 -26.36 8.63
C GLY A 103 -18.58 -25.10 9.28
N ARG A 104 -19.66 -24.51 8.75
CA ARG A 104 -20.23 -23.26 9.33
C ARG A 104 -21.72 -23.40 9.65
N LEU A 105 -22.18 -22.72 10.70
CA LEU A 105 -23.60 -22.48 11.01
C LEU A 105 -24.26 -21.59 9.93
N ASN A 106 -25.09 -22.19 9.07
CA ASN A 106 -25.76 -21.50 7.93
C ASN A 106 -27.08 -20.89 8.41
N VAL A 107 -27.14 -19.56 8.51
CA VAL A 107 -28.36 -18.80 8.90
C VAL A 107 -29.03 -18.26 7.64
N VAL A 108 -30.15 -18.86 7.24
CA VAL A 108 -30.95 -18.40 6.06
C VAL A 108 -32.06 -17.47 6.57
N LEU A 109 -32.17 -16.27 6.00
CA LEU A 109 -33.28 -15.34 6.32
C LEU A 109 -34.45 -15.67 5.39
N THR A 110 -35.65 -15.84 5.96
CA THR A 110 -36.83 -16.38 5.21
C THR A 110 -38.06 -15.52 5.45
N ARG A 111 -38.99 -15.55 4.49
CA ARG A 111 -40.27 -14.79 4.58
C ARG A 111 -41.35 -15.54 3.78
N SER A 112 -41.70 -16.76 4.20
CA SER A 112 -42.83 -17.56 3.66
C SER A 112 -44.03 -17.48 4.61
N GLY A 113 -44.53 -16.25 4.86
CA GLY A 113 -45.65 -15.96 5.77
C GLY A 113 -45.27 -14.96 6.85
N ASP A 116 -40.38 -22.50 4.81
CA ASP A 116 -40.49 -23.78 4.05
C ASP A 116 -39.16 -24.56 4.08
N ILE A 117 -38.40 -24.51 5.19
CA ILE A 117 -36.95 -24.95 5.25
C ILE A 117 -36.54 -25.39 6.67
N ALA A 118 -36.10 -26.64 6.80
CA ALA A 118 -35.97 -27.42 8.06
C ALA A 118 -34.68 -27.09 8.83
N ASN A 119 -34.81 -26.56 10.06
CA ASN A 119 -33.70 -26.27 11.01
C ASN A 119 -32.99 -27.57 11.41
N THR A 120 -31.65 -27.53 11.51
CA THR A 120 -30.78 -28.66 11.93
C THR A 120 -29.69 -28.14 12.88
N GLU A 121 -28.64 -28.94 13.11
CA GLU A 121 -27.44 -28.52 13.91
C GLU A 121 -26.66 -27.47 13.09
N ASN A 122 -26.81 -27.50 11.76
CA ASN A 122 -26.01 -26.73 10.77
C ASN A 122 -26.87 -25.68 10.04
N VAL A 123 -28.17 -25.62 10.29
CA VAL A 123 -29.10 -24.72 9.53
C VAL A 123 -30.09 -24.11 10.51
N VAL A 124 -30.18 -22.78 10.51
CA VAL A 124 -31.14 -22.01 11.36
C VAL A 124 -31.86 -21.02 10.43
N THR A 125 -33.20 -20.96 10.47
CA THR A 125 -33.99 -19.88 9.79
C THR A 125 -34.16 -18.71 10.76
N CYS A 126 -34.25 -17.49 10.24
CA CYS A 126 -34.44 -16.24 11.04
C CYS A 126 -35.22 -15.24 10.20
N SER A 127 -35.92 -14.29 10.82
CA SER A 127 -36.92 -13.47 10.11
C SER A 127 -36.22 -12.26 9.49
N SER A 128 -35.08 -11.87 10.06
CA SER A 128 -34.34 -10.65 9.63
C SER A 128 -32.85 -10.77 9.98
N VAL A 129 -32.04 -9.94 9.33
CA VAL A 129 -30.62 -9.67 9.72
C VAL A 129 -30.61 -9.32 11.21
N ASP A 130 -31.48 -8.39 11.63
CA ASP A 130 -31.54 -7.91 13.03
C ASP A 130 -31.79 -9.09 13.96
N SER A 131 -32.62 -10.06 13.55
CA SER A 131 -33.03 -11.20 14.43
C SER A 131 -31.89 -12.22 14.46
N ALA A 132 -31.29 -12.54 13.31
CA ALA A 132 -30.11 -13.44 13.20
C ALA A 132 -29.01 -12.95 14.16
N LEU A 133 -28.73 -11.64 14.13
CA LEU A 133 -27.65 -11.04 14.96
C LEU A 133 -28.00 -11.18 16.44
N ASP A 134 -29.27 -10.96 16.78
CA ASP A 134 -29.82 -11.11 18.16
C ASP A 134 -29.57 -12.56 18.64
N LEU A 135 -29.89 -13.56 17.81
CA LEU A 135 -29.81 -15.01 18.12
C LEU A 135 -28.36 -15.45 18.37
N LEU A 136 -27.41 -14.89 17.62
CA LEU A 136 -25.98 -15.33 17.67
C LEU A 136 -25.29 -14.69 18.88
N ALA A 137 -25.85 -13.60 19.43
CA ALA A 137 -25.41 -12.95 20.70
C ALA A 137 -25.88 -13.73 21.93
N ALA A 138 -26.70 -14.78 21.74
CA ALA A 138 -27.31 -15.60 22.82
C ALA A 138 -26.70 -17.00 22.85
N PRO A 139 -26.68 -17.67 24.02
CA PRO A 139 -26.27 -19.07 24.10
C PRO A 139 -27.08 -19.94 23.16
N PRO A 140 -26.52 -21.03 22.60
CA PRO A 140 -25.11 -21.40 22.80
C PRO A 140 -24.14 -20.68 21.87
N TYR A 141 -24.66 -19.90 20.92
CA TYR A 141 -23.90 -19.28 19.80
C TYR A 141 -22.98 -18.17 20.32
N CYS A 142 -23.25 -17.68 21.53
N CYS A 142 -23.26 -17.67 21.52
CA CYS A 142 -22.44 -16.62 22.18
CA CYS A 142 -22.43 -16.63 22.20
C CYS A 142 -20.98 -17.10 22.29
C CYS A 142 -20.98 -17.10 22.28
N LEU A 143 -20.78 -18.39 22.57
CA LEU A 143 -19.45 -19.05 22.70
C LEU A 143 -19.14 -19.82 21.41
N SER A 144 -20.16 -20.42 20.79
CA SER A 144 -20.01 -21.41 19.69
C SER A 144 -19.51 -20.75 18.39
N ILE A 145 -19.76 -19.45 18.21
CA ILE A 145 -19.63 -18.75 16.90
C ILE A 145 -18.54 -17.68 17.01
N GLU A 146 -17.38 -17.92 16.38
CA GLU A 146 -16.25 -16.94 16.48
C GLU A 146 -16.63 -15.65 15.74
N ARG A 147 -17.02 -15.72 14.47
CA ARG A 147 -17.35 -14.48 13.71
C ARG A 147 -18.57 -14.73 12.82
N VAL A 148 -19.20 -13.64 12.41
CA VAL A 148 -20.41 -13.67 11.54
C VAL A 148 -20.12 -12.98 10.20
N PHE A 149 -20.35 -13.71 9.13
CA PHE A 149 -20.23 -13.24 7.73
C PHE A 149 -21.62 -13.17 7.09
N VAL A 150 -21.98 -12.00 6.56
CA VAL A 150 -23.11 -11.82 5.60
C VAL A 150 -22.58 -11.97 4.16
N ILE A 151 -23.16 -12.90 3.39
CA ILE A 151 -22.69 -13.28 2.03
C ILE A 151 -23.81 -13.16 0.98
N GLY A 152 -24.90 -12.43 1.25
CA GLY A 152 -25.85 -12.05 0.17
C GLY A 152 -27.27 -12.61 0.35
N GLY A 153 -28.11 -12.58 -0.70
CA GLY A 153 -27.81 -12.05 -2.02
C GLY A 153 -28.08 -10.56 -2.13
N GLY A 154 -28.44 -10.05 -3.31
CA GLY A 154 -28.57 -8.60 -3.63
C GLY A 154 -29.38 -7.80 -2.60
N ASP A 155 -30.51 -8.35 -2.14
CA ASP A 155 -31.45 -7.68 -1.17
C ASP A 155 -30.73 -7.48 0.16
N ILE A 156 -30.22 -8.55 0.76
CA ILE A 156 -29.59 -8.52 2.13
C ILE A 156 -28.37 -7.59 2.10
N LEU A 157 -27.56 -7.60 1.03
CA LEU A 157 -26.32 -6.75 0.93
C LEU A 157 -26.69 -5.26 0.85
N ARG A 158 -27.71 -4.87 0.09
CA ARG A 158 -28.16 -3.43 0.02
C ARG A 158 -28.48 -2.92 1.44
N GLU A 159 -28.97 -3.76 2.36
CA GLU A 159 -29.21 -3.39 3.79
C GLU A 159 -27.88 -3.45 4.56
N ALA A 160 -27.18 -4.59 4.47
CA ALA A 160 -26.06 -5.00 5.33
C ALA A 160 -24.81 -4.13 5.08
N LEU A 161 -24.51 -3.85 3.82
CA LEU A 161 -23.19 -3.33 3.37
C LEU A 161 -22.77 -2.12 4.19
N ASN A 162 -23.64 -1.12 4.32
CA ASN A 162 -23.32 0.17 4.98
C ASN A 162 -24.26 0.34 6.18
N ARG A 163 -24.29 -0.67 7.04
CA ARG A 163 -24.84 -0.55 8.43
C ARG A 163 -23.65 -0.46 9.37
N PRO A 164 -23.75 0.33 10.47
CA PRO A 164 -22.61 0.54 11.36
C PRO A 164 -22.13 -0.74 12.05
N SER A 165 -22.99 -1.75 12.15
CA SER A 165 -22.56 -3.05 12.74
C SER A 165 -21.82 -3.88 11.68
N CYS A 166 -21.56 -3.30 10.49
CA CYS A 166 -20.59 -3.87 9.51
C CYS A 166 -19.16 -3.43 9.86
N ASP A 167 -18.40 -4.32 10.50
CA ASP A 167 -16.97 -4.14 10.88
C ASP A 167 -16.08 -4.05 9.64
N ALA A 168 -16.35 -4.84 8.62
CA ALA A 168 -15.43 -4.94 7.46
C ALA A 168 -16.17 -5.50 6.26
N ILE A 169 -15.65 -5.15 5.09
CA ILE A 169 -16.12 -5.67 3.79
C ILE A 169 -14.93 -6.34 3.11
N HIS A 170 -15.11 -7.61 2.74
CA HIS A 170 -14.14 -8.41 1.95
C HIS A 170 -14.68 -8.50 0.53
N LEU A 171 -14.22 -7.57 -0.32
CA LEU A 171 -14.70 -7.45 -1.72
C LEU A 171 -13.71 -8.14 -2.65
N THR A 172 -14.18 -9.07 -3.47
CA THR A 172 -13.44 -9.51 -4.68
C THR A 172 -13.79 -8.52 -5.80
N GLU A 173 -12.82 -7.72 -6.24
CA GLU A 173 -13.01 -6.69 -7.30
C GLU A 173 -12.66 -7.30 -8.64
N ILE A 174 -13.64 -7.44 -9.52
CA ILE A 174 -13.42 -8.14 -10.82
C ILE A 174 -13.31 -7.10 -11.93
N ASP A 175 -12.18 -7.08 -12.65
CA ASP A 175 -11.93 -6.12 -13.76
C ASP A 175 -12.69 -6.62 -15.01
N THR A 176 -14.01 -6.44 -15.00
CA THR A 176 -14.85 -6.71 -16.20
C THR A 176 -16.02 -5.73 -16.23
N SER A 177 -16.63 -5.59 -17.40
CA SER A 177 -17.88 -4.80 -17.60
C SER A 177 -19.00 -5.71 -18.13
N VAL A 178 -18.83 -7.03 -18.03
CA VAL A 178 -19.85 -8.04 -18.46
C VAL A 178 -21.18 -7.69 -17.78
N ASP A 179 -22.27 -7.74 -18.55
CA ASP A 179 -23.62 -7.28 -18.12
C ASP A 179 -23.99 -7.98 -16.81
N CYS A 180 -24.52 -7.18 -15.86
CA CYS A 180 -25.12 -7.69 -14.58
C CYS A 180 -26.54 -7.13 -14.45
N ASP A 181 -27.46 -7.87 -13.82
CA ASP A 181 -28.86 -7.44 -13.56
C ASP A 181 -29.00 -6.99 -12.10
N THR A 182 -28.15 -7.51 -11.21
CA THR A 182 -28.14 -7.15 -9.75
C THR A 182 -26.82 -6.48 -9.36
N PHE A 183 -26.95 -5.41 -8.59
CA PHE A 183 -25.87 -4.47 -8.19
C PHE A 183 -25.98 -4.25 -6.68
N ILE A 184 -24.85 -3.95 -6.03
CA ILE A 184 -24.81 -3.45 -4.62
C ILE A 184 -24.37 -1.99 -4.68
N PRO A 185 -24.60 -1.20 -3.61
CA PRO A 185 -24.06 0.15 -3.53
C PRO A 185 -22.53 0.17 -3.65
N ALA A 186 -21.95 1.30 -4.05
CA ALA A 186 -20.50 1.56 -3.90
C ALA A 186 -20.18 1.46 -2.40
N ILE A 187 -18.96 1.05 -2.06
CA ILE A 187 -18.48 1.07 -0.64
C ILE A 187 -18.46 2.55 -0.22
N ASP A 188 -19.04 2.87 0.94
CA ASP A 188 -19.04 4.27 1.48
C ASP A 188 -17.65 4.60 2.03
N THR A 189 -16.81 5.24 1.22
CA THR A 189 -15.38 5.52 1.56
C THR A 189 -15.25 6.60 2.64
N SER A 190 -16.34 7.29 2.99
CA SER A 190 -16.36 8.19 4.17
C SER A 190 -16.18 7.39 5.47
N VAL A 191 -16.64 6.13 5.54
CA VAL A 191 -16.60 5.33 6.80
C VAL A 191 -15.82 4.00 6.65
N TYR A 192 -15.52 3.56 5.43
CA TYR A 192 -14.68 2.35 5.19
C TYR A 192 -13.34 2.78 4.60
N GLN A 193 -12.23 2.17 5.06
CA GLN A 193 -10.86 2.46 4.55
C GLN A 193 -10.15 1.17 4.16
N PRO A 194 -9.33 1.12 3.09
CA PRO A 194 -8.69 -0.13 2.69
C PRO A 194 -7.70 -0.59 3.76
N TRP A 195 -7.81 -1.86 4.15
CA TRP A 195 -6.82 -2.50 5.05
C TRP A 195 -5.71 -3.13 4.20
N SER A 196 -6.13 -3.89 3.20
CA SER A 196 -5.23 -4.69 2.34
C SER A 196 -5.92 -4.92 1.02
N SER A 197 -5.09 -5.11 0.01
CA SER A 197 -5.51 -5.39 -1.36
C SER A 197 -4.43 -6.27 -1.97
N SER A 198 -4.83 -7.45 -2.46
CA SER A 198 -3.93 -8.49 -3.02
C SER A 198 -3.35 -8.01 -4.35
N PHE A 199 -2.20 -8.57 -4.74
CA PHE A 199 -1.58 -8.48 -6.08
C PHE A 199 -2.59 -9.09 -7.06
N PRO A 200 -3.02 -8.36 -8.11
CA PRO A 200 -4.09 -8.84 -8.99
C PRO A 200 -3.70 -10.15 -9.68
N VAL A 201 -4.70 -10.99 -9.95
CA VAL A 201 -4.51 -12.37 -10.47
C VAL A 201 -5.39 -12.52 -11.71
N THR A 202 -4.96 -13.33 -12.69
CA THR A 202 -5.79 -13.61 -13.88
C THR A 202 -6.21 -15.09 -13.87
N GLU A 203 -7.52 -15.34 -13.96
CA GLU A 203 -8.10 -16.70 -14.01
C GLU A 203 -9.25 -16.70 -15.03
N ASN A 204 -9.24 -17.64 -15.98
CA ASN A 204 -10.36 -17.84 -16.93
C ASN A 204 -10.65 -16.54 -17.67
N GLY A 205 -9.60 -15.85 -18.15
CA GLY A 205 -9.72 -14.60 -18.93
C GLY A 205 -10.02 -13.34 -18.11
N LEU A 206 -10.25 -13.44 -16.80
CA LEU A 206 -10.64 -12.27 -15.94
C LEU A 206 -9.50 -11.89 -14.98
N ARG A 207 -9.26 -10.59 -14.85
CA ARG A 207 -8.30 -10.00 -13.87
C ARG A 207 -9.09 -9.63 -12.63
N PHE A 208 -8.62 -9.96 -11.42
CA PHE A 208 -9.33 -9.56 -10.17
C PHE A 208 -8.36 -9.44 -8.99
N CYS A 209 -8.83 -8.84 -7.91
CA CYS A 209 -8.09 -8.85 -6.64
C CYS A 209 -9.05 -8.91 -5.44
N PHE A 210 -8.49 -9.13 -4.25
CA PHE A 210 -9.20 -9.21 -2.96
C PHE A 210 -8.83 -7.97 -2.15
N THR A 211 -9.83 -7.17 -1.83
CA THR A 211 -9.63 -5.92 -1.06
C THR A 211 -10.49 -6.03 0.19
N THR A 212 -9.86 -5.90 1.35
CA THR A 212 -10.58 -5.77 2.63
C THR A 212 -10.65 -4.29 2.98
N PHE A 213 -11.86 -3.82 3.27
CA PHE A 213 -12.12 -2.50 3.89
C PHE A 213 -12.50 -2.70 5.35
N VAL A 214 -12.06 -1.82 6.21
CA VAL A 214 -12.42 -1.82 7.65
C VAL A 214 -13.22 -0.55 7.97
N ARG A 215 -14.22 -0.69 8.84
CA ARG A 215 -14.99 0.48 9.34
C ARG A 215 -14.03 1.31 10.21
N VAL A 216 -13.98 2.61 9.97
CA VAL A 216 -13.19 3.56 10.80
C VAL A 216 -14.13 4.65 11.33
N LYS A 239 -8.47 -1.00 17.14
CA LYS A 239 -8.19 -2.46 17.27
C LYS A 239 -7.87 -3.02 15.88
N PHE A 240 -8.93 -3.22 15.09
CA PHE A 240 -8.98 -3.97 13.81
C PHE A 240 -8.75 -5.46 14.07
N LEU A 241 -8.70 -5.83 15.35
CA LEU A 241 -8.50 -7.25 15.75
C LEU A 241 -9.73 -8.11 15.43
N PHE A 242 -10.89 -7.52 15.11
CA PHE A 242 -12.07 -8.27 14.58
C PHE A 242 -11.75 -8.95 13.24
N LEU A 243 -10.73 -8.51 12.49
CA LEU A 243 -10.39 -9.13 11.18
C LEU A 243 -9.98 -10.58 11.36
N PRO A 244 -10.26 -11.50 10.42
CA PRO A 244 -9.64 -12.82 10.46
C PRO A 244 -8.11 -12.60 10.54
N LYS A 245 -7.40 -13.53 11.19
CA LYS A 245 -5.94 -13.43 11.41
C LYS A 245 -5.24 -13.32 10.05
N MET A 246 -5.64 -14.16 9.10
CA MET A 246 -5.11 -14.22 7.71
C MET A 246 -5.24 -12.84 7.04
N VAL A 247 -6.31 -12.07 7.28
CA VAL A 247 -6.50 -10.75 6.60
C VAL A 247 -5.72 -9.71 7.39
N PHE A 248 -5.73 -9.80 8.71
CA PHE A 248 -4.99 -8.87 9.59
C PHE A 248 -3.52 -8.87 9.13
N ASP A 249 -2.97 -10.06 8.92
CA ASP A 249 -1.51 -10.25 8.68
C ASP A 249 -1.14 -9.73 7.27
N GLN A 250 -2.11 -9.41 6.43
CA GLN A 250 -1.88 -8.98 5.02
C GLN A 250 -1.53 -7.49 4.98
N HIS A 251 -1.63 -6.78 6.10
CA HIS A 251 -1.29 -5.35 6.12
C HIS A 251 0.19 -5.25 5.72
N GLU A 252 0.49 -4.39 4.75
CA GLU A 252 1.83 -4.42 4.12
C GLU A 252 2.84 -3.77 5.05
N GLU A 253 2.39 -3.01 6.04
CA GLU A 253 3.29 -2.41 7.04
C GLU A 253 4.07 -3.50 7.80
N PHE A 254 3.53 -4.72 7.92
CA PHE A 254 4.23 -5.88 8.52
C PHE A 254 5.45 -6.28 7.69
N LEU A 255 5.49 -5.96 6.40
CA LEU A 255 6.68 -6.29 5.60
C LEU A 255 7.87 -5.49 6.17
N TYR A 256 7.64 -4.20 6.47
CA TYR A 256 8.62 -3.33 7.17
C TYR A 256 8.90 -3.82 8.60
N LEU A 257 7.86 -4.08 9.39
CA LEU A 257 8.03 -4.41 10.83
C LEU A 257 8.79 -5.74 10.97
N ASN A 258 8.44 -6.76 10.19
CA ASN A 258 9.12 -8.08 10.18
C ASN A 258 10.58 -7.93 9.73
N MET A 259 10.87 -7.01 8.83
CA MET A 259 12.26 -6.80 8.39
C MET A 259 13.06 -6.18 9.53
N VAL A 260 12.49 -5.18 10.22
CA VAL A 260 13.19 -4.48 11.33
C VAL A 260 13.50 -5.52 12.41
N GLU A 261 12.53 -6.36 12.73
CA GLU A 261 12.69 -7.41 13.77
C GLU A 261 13.83 -8.34 13.36
N ASP A 262 13.83 -8.75 12.08
CA ASP A 262 14.78 -9.74 11.51
C ASP A 262 16.20 -9.17 11.56
N ILE A 263 16.38 -7.90 11.23
CA ILE A 263 17.70 -7.24 11.30
C ILE A 263 18.18 -7.11 12.76
N ILE A 264 17.31 -6.75 13.71
CA ILE A 264 17.70 -6.59 15.14
C ILE A 264 18.03 -7.96 15.72
N SER A 265 17.25 -8.97 15.39
CA SER A 265 17.44 -10.36 15.91
C SER A 265 18.67 -11.03 15.29
N ASN A 266 18.95 -10.82 13.99
CA ASN A 266 19.87 -11.68 13.17
C ASN A 266 20.85 -10.87 12.34
N GLY A 267 20.82 -9.54 12.42
CA GLY A 267 21.79 -8.73 11.66
C GLY A 267 23.22 -9.04 12.08
N ASN A 268 24.18 -8.71 11.19
CA ASN A 268 25.62 -8.71 11.52
C ASN A 268 25.93 -7.44 12.30
N VAL A 269 26.67 -7.62 13.40
CA VAL A 269 27.18 -6.53 14.27
C VAL A 269 28.38 -5.88 13.57
N LYS A 270 28.44 -4.55 13.53
CA LYS A 270 29.55 -3.81 12.87
C LYS A 270 29.82 -2.47 13.57
N ASN A 271 30.82 -1.74 13.05
CA ASN A 271 31.41 -0.50 13.62
C ASN A 271 32.16 0.30 12.55
N ASP A 272 32.40 1.60 12.79
CA ASP A 272 33.18 2.51 11.90
C ASP A 272 34.11 3.42 12.74
N ARG A 273 34.83 4.31 12.04
CA ARG A 273 36.02 5.09 12.53
C ARG A 273 35.67 6.14 13.60
N THR A 274 34.37 6.35 13.86
CA THR A 274 33.86 7.29 14.92
C THR A 274 33.32 6.52 16.12
N GLY A 275 33.25 5.19 16.08
CA GLY A 275 32.72 4.37 17.18
C GLY A 275 31.20 4.37 17.21
N THR A 276 30.54 4.61 16.06
CA THR A 276 29.08 4.34 15.83
C THR A 276 28.88 2.88 15.40
N GLY A 277 27.90 2.18 16.02
CA GLY A 277 27.63 0.72 15.87
C GLY A 277 26.31 0.40 15.16
N THR A 278 26.21 -0.77 14.49
CA THR A 278 25.06 -1.12 13.60
C THR A 278 24.81 -2.62 13.62
N LEU A 279 23.56 -3.03 13.41
CA LEU A 279 23.14 -4.42 13.06
C LEU A 279 22.66 -4.38 11.61
N SER A 280 23.14 -5.29 10.75
CA SER A 280 22.94 -5.10 9.29
C SER A 280 22.67 -6.42 8.59
N LYS A 281 21.82 -6.34 7.56
CA LYS A 281 21.58 -7.45 6.62
C LYS A 281 21.79 -6.91 5.22
N PHE A 282 22.04 -7.81 4.30
CA PHE A 282 22.39 -7.47 2.91
C PHE A 282 21.46 -8.19 1.95
N GLY A 283 20.73 -7.41 1.15
CA GLY A 283 19.93 -7.91 0.02
C GLY A 283 18.52 -8.18 0.47
N CYS A 284 17.75 -7.12 0.65
N CYS A 284 17.75 -7.12 0.65
CA CYS A 284 16.36 -7.22 1.17
CA CYS A 284 16.36 -7.22 1.17
C CYS A 284 15.41 -6.65 0.11
C CYS A 284 15.41 -6.65 0.11
N GLN A 285 14.16 -7.10 0.11
CA GLN A 285 13.15 -6.60 -0.88
C GLN A 285 11.83 -6.46 -0.12
N MET A 286 11.10 -5.38 -0.38
CA MET A 286 9.72 -5.19 0.11
C MET A 286 8.87 -4.73 -1.05
N LYS A 287 7.68 -5.28 -1.20
CA LYS A 287 6.78 -4.91 -2.33
C LYS A 287 5.51 -4.31 -1.74
N PHE A 288 5.21 -3.08 -2.14
CA PHE A 288 3.99 -2.37 -1.70
C PHE A 288 3.02 -2.18 -2.86
N ASN A 289 1.77 -2.49 -2.59
CA ASN A 289 0.60 -2.27 -3.49
C ASN A 289 0.16 -0.81 -3.38
N LEU A 290 0.20 -0.07 -4.49
CA LEU A 290 -0.25 1.36 -4.52
C LEU A 290 -1.69 1.47 -5.01
N ARG A 291 -2.35 0.36 -5.38
CA ARG A 291 -3.65 0.42 -6.11
C ARG A 291 -4.77 0.97 -5.24
N ARG A 292 -4.79 0.66 -3.96
CA ARG A 292 -5.97 1.01 -3.13
C ARG A 292 -5.59 1.94 -1.99
N SER A 293 -4.32 1.95 -1.61
CA SER A 293 -3.91 2.83 -0.52
C SER A 293 -2.43 3.18 -0.70
N PHE A 294 -1.95 4.10 0.11
CA PHE A 294 -0.61 4.69 -0.07
C PHE A 294 0.24 4.33 1.14
N PRO A 295 1.41 3.66 0.96
CA PRO A 295 2.15 3.10 2.09
C PRO A 295 2.94 4.08 2.96
N LEU A 296 2.24 5.01 3.59
CA LEU A 296 2.82 5.93 4.60
C LEU A 296 2.67 5.26 5.97
N LEU A 297 3.80 4.92 6.59
CA LEU A 297 3.76 4.03 7.79
C LEU A 297 2.92 4.64 8.92
N THR A 298 2.19 3.76 9.61
CA THR A 298 1.24 4.15 10.68
C THR A 298 1.82 3.85 12.08
N THR A 299 2.81 2.97 12.19
CA THR A 299 3.34 2.62 13.55
C THR A 299 4.21 3.77 14.08
N LYS A 300 4.54 4.75 13.23
CA LYS A 300 5.37 5.92 13.60
C LYS A 300 5.19 6.97 12.51
N ARG A 301 4.92 8.23 12.89
CA ARG A 301 4.55 9.28 11.93
C ARG A 301 5.71 9.46 10.96
N VAL A 302 5.42 9.48 9.64
CA VAL A 302 6.41 9.78 8.58
C VAL A 302 6.27 11.25 8.19
N PHE A 303 7.40 11.91 7.91
CA PHE A 303 7.46 13.36 7.56
C PHE A 303 6.99 13.56 6.10
N TRP A 304 5.68 13.39 5.87
CA TRP A 304 5.01 13.46 4.55
C TRP A 304 5.28 14.78 3.85
N ARG A 305 5.14 15.89 4.55
CA ARG A 305 5.38 17.23 3.94
C ARG A 305 6.80 17.31 3.36
N GLY A 306 7.82 16.85 4.09
CA GLY A 306 9.20 16.80 3.59
C GLY A 306 9.35 15.82 2.43
N VAL A 307 8.64 14.69 2.46
CA VAL A 307 8.63 13.75 1.29
C VAL A 307 8.21 14.53 0.07
N VAL A 308 7.05 15.22 0.13
CA VAL A 308 6.46 15.96 -1.01
C VAL A 308 7.42 17.05 -1.48
N GLU A 309 7.89 17.90 -0.57
CA GLU A 309 8.76 19.05 -0.91
C GLU A 309 10.08 18.55 -1.49
N GLU A 310 10.72 17.56 -0.85
CA GLU A 310 12.01 17.05 -1.37
C GLU A 310 11.81 16.53 -2.81
N LEU A 311 10.76 15.75 -3.04
CA LEU A 311 10.55 15.17 -4.40
C LEU A 311 10.30 16.28 -5.44
N LEU A 312 9.48 17.30 -5.14
CA LEU A 312 9.23 18.38 -6.13
C LEU A 312 10.58 19.07 -6.40
N TRP A 313 11.43 19.17 -5.38
CA TRP A 313 12.80 19.77 -5.46
C TRP A 313 13.67 18.92 -6.41
N PHE A 314 13.70 17.60 -6.22
CA PHE A 314 14.42 16.66 -7.12
C PHE A 314 13.95 16.89 -8.55
N ILE A 315 12.64 16.90 -8.76
CA ILE A 315 12.03 16.99 -10.13
C ILE A 315 12.48 18.31 -10.80
N SER A 316 12.52 19.41 -10.03
CA SER A 316 12.93 20.76 -10.52
C SER A 316 14.38 20.74 -11.02
N GLY A 317 15.21 19.82 -10.54
CA GLY A 317 16.62 19.71 -10.96
C GLY A 317 17.53 20.47 -10.02
N SER A 318 16.96 21.15 -9.04
CA SER A 318 17.73 21.97 -8.07
C SER A 318 18.69 21.12 -7.23
N THR A 319 19.86 21.67 -6.97
CA THR A 319 20.86 21.14 -6.02
C THR A 319 21.11 22.15 -4.90
N ASN A 320 20.18 23.09 -4.69
CA ASN A 320 20.29 24.16 -3.68
C ASN A 320 19.48 23.80 -2.45
N ALA A 321 20.12 23.43 -1.34
CA ALA A 321 19.42 23.04 -0.08
C ALA A 321 18.64 24.24 0.47
N LYS A 322 18.97 25.47 0.06
CA LYS A 322 18.32 26.67 0.63
C LYS A 322 16.88 26.73 0.12
N VAL A 323 16.60 26.12 -1.05
CA VAL A 323 15.23 26.10 -1.62
C VAL A 323 14.32 25.37 -0.64
N LEU A 324 14.82 24.28 -0.04
CA LEU A 324 14.08 23.52 1.01
C LEU A 324 14.08 24.27 2.35
N GLN A 325 15.22 24.83 2.76
CA GLN A 325 15.38 25.55 4.04
C GLN A 325 14.34 26.67 4.12
N GLU A 326 14.16 27.37 3.00
CA GLU A 326 13.28 28.56 2.85
C GLU A 326 11.83 28.10 3.05
N LYS A 327 11.50 26.82 2.80
CA LYS A 327 10.11 26.29 2.97
C LYS A 327 9.94 25.61 4.33
N GLY A 328 10.97 25.60 5.18
CA GLY A 328 10.93 24.94 6.49
C GLY A 328 11.24 23.45 6.42
N ILE A 329 11.95 23.00 5.37
CA ILE A 329 12.38 21.58 5.23
C ILE A 329 13.89 21.54 5.44
N HIS A 330 14.36 20.92 6.53
CA HIS A 330 15.76 21.03 7.02
C HIS A 330 16.55 19.73 6.81
N ILE A 331 15.97 18.70 6.17
CA ILE A 331 16.55 17.31 6.09
C ILE A 331 17.92 17.30 5.40
N TRP A 332 18.24 18.28 4.57
CA TRP A 332 19.54 18.38 3.86
C TRP A 332 20.48 19.35 4.57
N ASP A 333 20.06 19.97 5.69
CA ASP A 333 20.80 21.12 6.29
C ASP A 333 22.18 20.61 6.74
N GLY A 334 22.19 19.47 7.42
CA GLY A 334 23.40 18.76 7.91
C GLY A 334 24.44 18.50 6.83
N ASN A 335 24.06 18.41 5.55
CA ASN A 335 25.00 18.01 4.46
C ASN A 335 25.36 19.22 3.59
N ALA A 336 24.95 20.42 4.02
CA ALA A 336 25.04 21.67 3.23
C ALA A 336 25.71 22.80 4.02
N SER A 337 26.00 22.59 5.31
CA SER A 337 26.52 23.62 6.24
C SER A 337 27.99 23.94 5.92
N ARG A 338 28.38 25.21 6.07
CA ARG A 338 29.81 25.61 6.01
C ARG A 338 30.67 24.52 6.68
N GLU A 339 30.36 24.17 7.93
CA GLU A 339 31.17 23.24 8.78
C GLU A 339 31.32 21.89 8.05
N TYR A 340 30.20 21.29 7.61
CA TYR A 340 30.17 19.95 6.97
C TYR A 340 31.00 19.98 5.69
N LEU A 341 30.75 20.94 4.79
CA LEU A 341 31.42 21.01 3.47
C LEU A 341 32.94 21.14 3.71
N ASP A 342 33.35 22.06 4.60
CA ASP A 342 34.77 22.21 5.05
C ASP A 342 35.31 20.82 5.42
N GLY A 343 34.62 20.17 6.35
CA GLY A 343 35.04 18.87 6.91
C GLY A 343 35.22 17.78 5.87
N ILE A 344 34.66 17.90 4.67
CA ILE A 344 34.90 16.87 3.58
C ILE A 344 35.69 17.51 2.45
N GLY A 345 36.35 18.65 2.71
CA GLY A 345 37.34 19.24 1.79
C GLY A 345 36.72 20.06 0.67
N LEU A 346 35.44 20.44 0.77
CA LEU A 346 34.81 21.36 -0.22
C LEU A 346 34.79 22.78 0.33
N THR A 347 35.98 23.35 0.60
CA THR A 347 36.15 24.67 1.24
C THR A 347 35.79 25.83 0.30
N GLU A 348 35.80 25.60 -1.01
CA GLU A 348 35.40 26.60 -2.05
C GLU A 348 33.87 26.66 -2.15
N ARG A 349 33.17 25.54 -1.82
CA ARG A 349 31.70 25.40 -2.08
C ARG A 349 30.87 26.31 -1.14
N GLU A 350 29.87 26.98 -1.72
CA GLU A 350 28.89 27.86 -1.05
C GLU A 350 27.96 27.04 -0.13
N GLU A 351 27.68 27.57 1.06
CA GLU A 351 26.66 27.00 1.98
C GLU A 351 25.44 26.63 1.13
N GLY A 352 24.93 25.41 1.25
CA GLY A 352 23.71 24.98 0.52
C GLY A 352 24.00 24.33 -0.83
N ASP A 353 25.19 24.52 -1.40
CA ASP A 353 25.50 23.95 -2.73
C ASP A 353 25.91 22.48 -2.50
N LEU A 354 24.99 21.55 -2.74
CA LEU A 354 25.21 20.10 -2.47
C LEU A 354 26.08 19.48 -3.57
N GLY A 355 26.28 20.19 -4.67
CA GLY A 355 26.96 19.65 -5.85
C GLY A 355 25.98 18.88 -6.72
N PRO A 356 26.48 18.07 -7.67
CA PRO A 356 25.64 17.38 -8.67
C PRO A 356 24.93 16.14 -8.08
N VAL A 357 24.00 16.40 -7.17
CA VAL A 357 23.23 15.32 -6.47
C VAL A 357 21.94 15.05 -7.25
N TYR A 358 20.97 14.36 -6.66
CA TYR A 358 19.85 13.73 -7.38
C TYR A 358 19.28 14.63 -8.49
N GLY A 359 18.83 15.83 -8.13
CA GLY A 359 18.13 16.71 -9.09
C GLY A 359 18.91 16.91 -10.36
N PHE A 360 20.22 17.08 -10.23
CA PHE A 360 21.11 17.38 -11.36
C PHE A 360 21.28 16.12 -12.23
N GLN A 361 21.54 14.98 -11.61
CA GLN A 361 21.70 13.67 -12.30
C GLN A 361 20.40 13.33 -13.04
N TRP A 362 19.25 13.59 -12.42
CA TRP A 362 17.94 13.24 -13.01
C TRP A 362 17.66 14.11 -14.24
N ARG A 363 17.94 15.41 -14.17
CA ARG A 363 17.63 16.35 -15.29
C ARG A 363 18.84 16.62 -16.19
N HIS A 364 20.08 16.36 -15.80
CA HIS A 364 21.29 16.78 -16.60
C HIS A 364 22.43 15.77 -16.46
N PHE A 365 22.12 14.47 -16.40
CA PHE A 365 23.16 13.44 -16.27
C PHE A 365 24.27 13.71 -17.32
N GLY A 366 25.51 13.81 -16.87
CA GLY A 366 26.68 13.84 -17.77
C GLY A 366 27.18 15.27 -18.01
N ALA A 367 26.36 16.29 -17.71
CA ALA A 367 26.75 17.72 -17.84
C ALA A 367 27.90 18.04 -16.87
N LYS A 368 28.64 19.10 -17.18
CA LYS A 368 29.74 19.60 -16.32
C LYS A 368 29.11 20.51 -15.26
N TYR A 369 29.21 20.13 -14.00
CA TYR A 369 28.69 20.92 -12.87
C TYR A 369 29.65 22.06 -12.59
N THR A 370 29.11 23.21 -12.23
CA THR A 370 29.89 24.42 -11.86
C THR A 370 29.42 24.83 -10.47
N ASP A 371 28.23 25.40 -10.37
CA ASP A 371 27.64 25.76 -9.06
C ASP A 371 26.14 25.54 -9.15
N MET A 372 25.42 25.67 -8.02
CA MET A 372 23.94 25.47 -7.94
C MET A 372 23.19 26.59 -8.65
N HIS A 373 23.87 27.69 -9.02
CA HIS A 373 23.22 28.88 -9.63
C HIS A 373 23.23 28.80 -11.16
N ALA A 374 24.05 27.96 -11.77
CA ALA A 374 24.23 27.90 -13.25
C ALA A 374 22.95 27.38 -13.90
N ASP A 375 22.66 27.91 -15.08
CA ASP A 375 21.56 27.47 -15.98
C ASP A 375 22.08 26.31 -16.84
N TYR A 376 21.65 25.07 -16.56
CA TYR A 376 22.14 23.84 -17.25
C TYR A 376 21.20 23.43 -18.40
N THR A 377 20.29 24.32 -18.78
CA THR A 377 19.29 24.07 -19.86
C THR A 377 19.97 23.47 -21.09
N GLY A 378 19.45 22.34 -21.60
CA GLY A 378 19.94 21.61 -22.78
C GLY A 378 21.27 20.90 -22.54
N GLN A 379 21.79 20.89 -21.30
CA GLN A 379 23.08 20.21 -20.97
C GLN A 379 22.80 18.84 -20.33
N GLY A 380 23.52 17.82 -20.80
CA GLY A 380 23.45 16.43 -20.33
C GLY A 380 22.14 15.78 -20.69
N PHE A 381 21.87 14.61 -20.12
CA PHE A 381 20.74 13.71 -20.50
C PHE A 381 19.61 13.85 -19.49
N ASP A 382 18.42 14.20 -19.98
CA ASP A 382 17.24 14.46 -19.12
C ASP A 382 16.53 13.13 -18.91
N GLN A 383 16.90 12.41 -17.86
CA GLN A 383 16.40 11.03 -17.58
C GLN A 383 14.91 11.09 -17.28
N LEU A 384 14.44 12.12 -16.58
CA LEU A 384 13.02 12.17 -16.16
C LEU A 384 12.16 12.33 -17.41
N VAL A 385 12.54 13.21 -18.34
CA VAL A 385 11.79 13.40 -19.62
C VAL A 385 11.85 12.10 -20.43
N ASP A 386 12.99 11.43 -20.47
CA ASP A 386 13.16 10.16 -21.19
C ASP A 386 12.20 9.09 -20.62
N VAL A 387 12.10 9.00 -19.30
CA VAL A 387 11.24 7.98 -18.61
C VAL A 387 9.77 8.23 -19.01
N ILE A 388 9.34 9.50 -18.92
CA ILE A 388 7.96 9.93 -19.23
C ILE A 388 7.66 9.57 -20.69
N ASP A 389 8.60 9.83 -21.59
CA ASP A 389 8.47 9.52 -23.04
C ASP A 389 8.29 8.02 -23.25
N LYS A 390 9.11 7.19 -22.62
CA LYS A 390 9.00 5.71 -22.76
C LYS A 390 7.67 5.24 -22.18
N ILE A 391 7.27 5.75 -21.01
CA ILE A 391 6.02 5.28 -20.33
C ILE A 391 4.83 5.56 -21.29
N LYS A 392 4.78 6.75 -21.89
CA LYS A 392 3.69 7.14 -22.84
C LYS A 392 3.83 6.39 -24.18
N ASN A 393 5.02 6.40 -24.79
CA ASN A 393 5.21 6.07 -26.23
C ASN A 393 5.79 4.66 -26.43
N ASN A 394 6.48 4.08 -25.45
CA ASN A 394 6.98 2.69 -25.59
C ASN A 394 6.82 1.95 -24.27
N PRO A 395 5.59 1.75 -23.76
CA PRO A 395 5.42 1.25 -22.39
C PRO A 395 6.09 -0.11 -22.10
N ASP A 396 6.32 -0.94 -23.12
CA ASP A 396 6.89 -2.31 -22.94
C ASP A 396 8.42 -2.30 -22.87
N ASP A 397 9.05 -1.14 -23.10
CA ASP A 397 10.52 -0.93 -23.03
C ASP A 397 11.08 -1.51 -21.72
N ARG A 398 12.22 -2.17 -21.81
CA ARG A 398 12.91 -2.82 -20.67
C ARG A 398 14.05 -1.94 -20.15
N ARG A 399 14.14 -0.69 -20.61
CA ARG A 399 15.16 0.31 -20.19
C ARG A 399 14.49 1.58 -19.67
N ILE A 400 13.34 1.49 -19.02
CA ILE A 400 12.70 2.70 -18.44
C ILE A 400 13.40 2.96 -17.09
N ILE A 401 14.51 3.68 -17.12
CA ILE A 401 15.46 3.75 -15.98
C ILE A 401 15.82 5.22 -15.69
N MET A 402 15.89 5.57 -14.41
CA MET A 402 16.43 6.88 -14.01
C MET A 402 17.42 6.62 -12.87
N SER A 403 18.65 7.13 -13.00
CA SER A 403 19.80 6.81 -12.11
C SER A 403 20.51 8.09 -11.68
N ALA A 404 20.82 8.20 -10.40
CA ALA A 404 21.67 9.26 -9.84
C ALA A 404 23.13 8.79 -9.70
N TRP A 405 23.44 7.60 -10.20
N TRP A 405 23.42 7.58 -10.18
CA TRP A 405 24.77 7.00 -9.97
CA TRP A 405 24.76 6.97 -10.02
C TRP A 405 25.73 7.40 -11.10
C TRP A 405 25.69 7.44 -11.14
N ASN A 406 26.65 8.31 -10.78
CA ASN A 406 27.60 8.88 -11.75
C ASN A 406 28.95 8.91 -11.05
N PRO A 407 29.73 7.83 -11.22
CA PRO A 407 31.06 7.73 -10.60
C PRO A 407 31.96 8.95 -10.89
N SER A 408 31.87 9.55 -12.08
CA SER A 408 32.72 10.71 -12.45
C SER A 408 32.45 11.86 -11.47
N ASP A 409 31.23 11.97 -10.94
CA ASP A 409 30.77 13.18 -10.20
C ASP A 409 30.84 13.00 -8.68
N LEU A 410 31.15 11.80 -8.16
CA LEU A 410 31.04 11.49 -6.70
C LEU A 410 31.92 12.46 -5.90
N LYS A 411 33.09 12.82 -6.41
CA LYS A 411 34.06 13.71 -5.72
C LYS A 411 33.43 15.10 -5.51
N LEU A 412 32.42 15.50 -6.30
CA LEU A 412 31.85 16.86 -6.24
C LEU A 412 30.60 16.89 -5.35
N MET A 413 30.12 15.74 -4.91
CA MET A 413 28.78 15.62 -4.26
C MET A 413 28.94 15.78 -2.76
N ALA A 414 28.07 16.55 -2.08
CA ALA A 414 28.10 16.73 -0.61
C ALA A 414 27.85 15.39 0.07
N LEU A 415 27.11 14.50 -0.60
CA LEU A 415 26.80 13.12 -0.17
C LEU A 415 26.55 12.26 -1.42
N PRO A 416 27.10 11.04 -1.52
CA PRO A 416 26.84 10.22 -2.69
C PRO A 416 25.39 9.71 -2.70
N PRO A 417 24.77 9.48 -3.88
CA PRO A 417 23.37 9.11 -3.93
C PRO A 417 23.21 7.79 -3.18
N CYS A 418 22.11 7.64 -2.45
N CYS A 418 22.12 7.64 -2.42
CA CYS A 418 21.83 6.40 -1.70
CA CYS A 418 21.82 6.38 -1.69
C CYS A 418 20.72 5.64 -2.44
C CYS A 418 20.72 5.64 -2.44
N HIS A 419 19.66 6.33 -2.84
CA HIS A 419 18.60 5.74 -3.70
C HIS A 419 19.11 5.87 -5.12
N MET A 420 19.70 4.82 -5.65
N MET A 420 19.74 4.80 -5.62
CA MET A 420 20.73 5.09 -6.67
CA MET A 420 20.72 4.90 -6.73
C MET A 420 20.19 4.71 -8.06
C MET A 420 20.01 4.96 -8.08
N PHE A 421 19.01 4.12 -8.13
N PHE A 421 19.19 3.96 -8.38
N PHE A 421 18.93 4.18 -8.12
CA PHE A 421 18.43 3.81 -9.46
CA PHE A 421 18.42 3.92 -9.64
CA PHE A 421 18.45 3.64 -9.41
C PHE A 421 16.99 3.31 -9.29
C PHE A 421 17.04 3.34 -9.35
C PHE A 421 16.97 3.30 -9.27
N ALA A 422 16.14 3.65 -10.27
CA ALA A 422 14.76 3.11 -10.31
C ALA A 422 14.47 2.70 -11.76
N GLN A 423 13.77 1.59 -11.88
CA GLN A 423 13.23 1.11 -13.17
C GLN A 423 11.71 1.12 -13.08
N PHE A 424 11.06 1.39 -14.22
CA PHE A 424 9.59 1.42 -14.33
C PHE A 424 9.15 0.34 -15.31
N TYR A 425 7.91 -0.11 -15.13
CA TYR A 425 7.27 -1.22 -15.84
C TYR A 425 5.78 -0.87 -16.01
N VAL A 426 5.23 -1.21 -17.16
CA VAL A 426 3.80 -0.98 -17.49
C VAL A 426 3.19 -2.31 -17.90
N ALA A 427 2.08 -2.65 -17.30
CA ALA A 427 1.23 -3.76 -17.76
C ALA A 427 -0.18 -3.51 -17.22
N GLU A 428 -1.22 -3.90 -17.98
CA GLU A 428 -2.64 -3.81 -17.55
C GLU A 428 -3.01 -2.38 -17.15
N GLY A 429 -2.43 -1.37 -17.80
CA GLY A 429 -2.69 0.06 -17.57
C GLY A 429 -2.07 0.58 -16.28
N GLU A 430 -1.15 -0.17 -15.65
CA GLU A 430 -0.62 0.19 -14.30
C GLU A 430 0.87 0.45 -14.44
N LEU A 431 1.37 1.44 -13.70
CA LEU A 431 2.80 1.80 -13.66
C LEU A 431 3.41 1.28 -12.35
N SER A 432 4.43 0.45 -12.46
CA SER A 432 5.15 -0.08 -11.28
C SER A 432 6.56 0.48 -11.28
N CYS A 433 7.21 0.44 -10.12
CA CYS A 433 8.55 1.00 -9.92
C CYS A 433 9.36 0.07 -9.01
N GLN A 434 10.62 -0.12 -9.33
CA GLN A 434 11.57 -0.86 -8.50
C GLN A 434 12.74 0.06 -8.24
N MET A 435 13.07 0.28 -6.96
CA MET A 435 14.13 1.25 -6.63
C MET A 435 15.19 0.54 -5.82
N TYR A 436 16.43 0.82 -6.15
CA TYR A 436 17.61 0.20 -5.51
C TYR A 436 18.22 1.19 -4.52
N GLN A 437 18.22 0.83 -3.25
CA GLN A 437 18.79 1.69 -2.18
C GLN A 437 20.04 1.01 -1.60
N ARG A 438 21.23 1.57 -1.85
CA ARG A 438 22.52 0.89 -1.51
C ARG A 438 22.73 0.84 0.01
N SER A 439 22.17 1.82 0.72
CA SER A 439 22.34 2.01 2.18
C SER A 439 21.02 2.43 2.77
N ALA A 440 20.49 1.59 3.66
CA ALA A 440 19.11 1.71 4.18
C ALA A 440 19.13 1.74 5.71
N ASP A 441 19.03 2.92 6.32
CA ASP A 441 18.70 3.06 7.77
C ASP A 441 17.22 2.69 7.99
N MET A 442 16.96 1.56 8.61
CA MET A 442 15.57 1.07 8.76
C MET A 442 14.75 2.07 9.57
N GLY A 443 15.36 2.75 10.54
CA GLY A 443 14.62 3.55 11.54
C GLY A 443 14.07 4.84 10.96
N LEU A 444 14.85 5.49 10.12
CA LEU A 444 14.61 6.87 9.62
C LEU A 444 14.38 6.90 8.10
N GLY A 445 15.39 6.55 7.31
CA GLY A 445 15.41 6.75 5.85
C GLY A 445 14.43 5.83 5.15
N VAL A 446 14.29 4.58 5.59
CA VAL A 446 13.53 3.56 4.79
C VAL A 446 12.05 3.98 4.72
N PRO A 447 11.36 4.32 5.83
CA PRO A 447 9.97 4.77 5.73
C PRO A 447 9.79 6.02 4.85
N PHE A 448 10.69 6.99 4.96
CA PHE A 448 10.68 8.20 4.11
C PHE A 448 10.82 7.82 2.64
N ASN A 449 11.76 6.93 2.32
CA ASN A 449 12.06 6.58 0.90
C ASN A 449 10.92 5.75 0.32
N ILE A 450 10.27 4.89 1.10
CA ILE A 450 9.08 4.15 0.63
C ILE A 450 8.04 5.18 0.14
N ALA A 451 7.78 6.22 0.94
CA ALA A 451 6.77 7.24 0.66
C ALA A 451 7.23 8.03 -0.57
N SER A 452 8.53 8.32 -0.65
CA SER A 452 9.11 9.15 -1.74
C SER A 452 8.90 8.47 -3.09
N TYR A 453 9.36 7.23 -3.24
CA TYR A 453 9.27 6.56 -4.55
C TYR A 453 7.85 6.11 -4.83
N SER A 454 7.03 5.82 -3.80
CA SER A 454 5.59 5.56 -4.02
C SER A 454 4.94 6.83 -4.60
N LEU A 455 5.26 8.00 -4.07
CA LEU A 455 4.75 9.29 -4.60
C LEU A 455 5.22 9.47 -6.04
N LEU A 456 6.50 9.22 -6.32
CA LEU A 456 7.06 9.42 -7.68
C LEU A 456 6.28 8.53 -8.66
N THR A 457 6.10 7.26 -8.31
CA THR A 457 5.30 6.29 -9.10
C THR A 457 3.89 6.87 -9.37
N CYS A 458 3.24 7.39 -8.34
CA CYS A 458 1.87 7.97 -8.47
C CYS A 458 1.89 9.19 -9.42
N MET A 459 2.88 10.06 -9.29
CA MET A 459 2.96 11.29 -10.12
C MET A 459 3.20 10.90 -11.58
N LEU A 460 4.10 9.95 -11.79
CA LEU A 460 4.41 9.53 -13.18
C LEU A 460 3.19 8.84 -13.77
N ALA A 461 2.50 7.99 -13.03
CA ALA A 461 1.27 7.35 -13.54
C ALA A 461 0.27 8.44 -13.94
N HIS A 462 0.10 9.43 -13.08
CA HIS A 462 -0.91 10.50 -13.23
C HIS A 462 -0.66 11.27 -14.53
N VAL A 463 0.56 11.78 -14.71
CA VAL A 463 1.01 12.59 -15.88
C VAL A 463 0.99 11.73 -17.16
N CYS A 464 1.08 10.40 -17.06
CA CYS A 464 1.15 9.49 -18.25
C CYS A 464 -0.20 8.79 -18.49
N ASP A 465 -1.26 9.22 -17.80
CA ASP A 465 -2.65 8.76 -18.00
C ASP A 465 -2.76 7.28 -17.66
N LEU A 466 -2.03 6.84 -16.64
CA LEU A 466 -2.07 5.46 -16.09
C LEU A 466 -2.54 5.51 -14.65
N VAL A 467 -2.67 4.32 -14.05
CA VAL A 467 -2.89 4.12 -12.60
C VAL A 467 -1.62 3.47 -12.01
N PRO A 468 -1.30 3.74 -10.72
CA PRO A 468 -0.15 3.12 -10.07
C PRO A 468 -0.34 1.61 -9.79
N GLY A 469 0.72 0.84 -9.93
CA GLY A 469 0.70 -0.61 -9.68
C GLY A 469 1.32 -0.89 -8.33
N ASP A 470 2.58 -1.31 -8.36
CA ASP A 470 3.38 -1.69 -7.17
C ASP A 470 4.64 -0.83 -7.09
N PHE A 471 5.08 -0.55 -5.87
CA PHE A 471 6.45 -0.09 -5.58
C PHE A 471 7.25 -1.23 -4.96
N ILE A 472 8.36 -1.61 -5.59
CA ILE A 472 9.32 -2.65 -5.09
C ILE A 472 10.59 -1.96 -4.57
N HIS A 473 10.83 -2.12 -3.28
CA HIS A 473 11.95 -1.48 -2.56
C HIS A 473 13.06 -2.52 -2.39
N VAL A 474 14.17 -2.34 -3.07
CA VAL A 474 15.36 -3.23 -2.96
C VAL A 474 16.42 -2.55 -2.10
N LEU A 475 16.89 -3.24 -1.08
CA LEU A 475 17.95 -2.74 -0.15
C LEU A 475 19.26 -3.51 -0.33
N GLY A 476 20.37 -2.78 -0.40
CA GLY A 476 21.72 -3.30 -0.21
C GLY A 476 22.00 -3.49 1.28
N ASP A 477 22.78 -2.59 1.85
CA ASP A 477 23.16 -2.69 3.29
C ASP A 477 22.01 -2.12 4.13
N ALA A 478 21.18 -2.99 4.68
CA ALA A 478 19.98 -2.59 5.42
C ALA A 478 20.33 -2.65 6.92
N HIS A 479 20.34 -1.52 7.62
CA HIS A 479 20.91 -1.47 8.99
C HIS A 479 19.98 -0.75 9.98
N VAL A 480 20.14 -1.13 11.24
CA VAL A 480 19.59 -0.44 12.42
C VAL A 480 20.77 0.01 13.29
N TYR A 481 20.83 1.27 13.68
CA TYR A 481 21.82 1.75 14.67
C TYR A 481 21.58 1.08 16.02
N LYS A 482 22.67 0.64 16.68
CA LYS A 482 22.60 0.03 18.05
C LYS A 482 21.79 0.98 18.95
N THR A 483 21.91 2.31 18.77
CA THR A 483 21.22 3.31 19.62
C THR A 483 19.69 3.32 19.33
N HIS A 484 19.22 2.82 18.19
CA HIS A 484 17.80 2.89 17.79
C HIS A 484 17.08 1.58 18.15
N VAL A 485 17.77 0.58 18.71
CA VAL A 485 17.17 -0.76 18.95
C VAL A 485 16.03 -0.62 19.97
N ARG A 486 16.21 0.26 20.97
CA ARG A 486 15.26 0.36 22.12
C ARG A 486 13.99 1.02 21.60
N PRO A 487 14.07 2.22 20.99
CA PRO A 487 12.89 2.87 20.41
C PRO A 487 12.19 2.07 19.31
N LEU A 488 12.95 1.35 18.48
CA LEU A 488 12.36 0.52 17.41
C LEU A 488 11.56 -0.61 18.06
N GLN A 489 12.01 -1.16 19.20
CA GLN A 489 11.31 -2.30 19.87
C GLN A 489 10.00 -1.81 20.52
N GLU A 490 9.95 -0.55 20.95
CA GLU A 490 8.71 0.15 21.38
C GLU A 490 7.77 0.29 20.17
N GLN A 491 8.30 0.78 19.04
CA GLN A 491 7.52 0.97 17.79
C GLN A 491 6.90 -0.36 17.34
N LEU A 492 7.63 -1.47 17.50
CA LEU A 492 7.21 -2.82 17.06
C LEU A 492 6.06 -3.35 17.93
N LEU A 493 5.72 -2.69 19.04
CA LEU A 493 4.56 -3.08 19.87
C LEU A 493 3.29 -2.45 19.30
N ASN A 494 3.42 -1.44 18.43
CA ASN A 494 2.27 -0.78 17.78
C ASN A 494 1.70 -1.68 16.69
N LEU A 495 0.38 -1.79 16.65
CA LEU A 495 -0.32 -2.52 15.56
C LEU A 495 -0.65 -1.52 14.47
N PRO A 496 -0.46 -1.90 13.19
CA PRO A 496 -0.70 -0.99 12.08
C PRO A 496 -2.16 -0.53 12.08
N LYS A 497 -2.39 0.71 11.67
CA LYS A 497 -3.71 1.23 11.27
C LYS A 497 -3.79 1.16 9.75
N PRO A 498 -5.00 1.21 9.13
CA PRO A 498 -5.13 1.20 7.69
C PRO A 498 -4.25 2.32 7.11
N PHE A 499 -3.56 2.06 6.00
CA PHE A 499 -2.76 3.10 5.32
C PHE A 499 -3.74 4.19 4.90
N PRO A 500 -3.26 5.43 4.67
CA PRO A 500 -4.11 6.44 4.08
C PRO A 500 -4.34 6.24 2.58
N VAL A 501 -5.22 7.07 2.03
CA VAL A 501 -5.52 7.12 0.57
C VAL A 501 -5.02 8.47 0.03
N MET A 502 -4.32 8.43 -1.10
CA MET A 502 -3.62 9.61 -1.64
C MET A 502 -4.23 9.89 -3.01
N LYS A 503 -4.71 11.13 -3.21
CA LYS A 503 -5.29 11.61 -4.48
C LYS A 503 -4.46 12.80 -4.97
N ILE A 504 -4.19 12.80 -6.27
CA ILE A 504 -3.47 13.88 -6.97
C ILE A 504 -4.48 14.71 -7.75
N ASN A 505 -4.33 16.02 -7.71
CA ASN A 505 -5.16 17.00 -8.45
C ASN A 505 -5.26 16.63 -9.92
N PRO A 506 -6.44 16.25 -10.43
CA PRO A 506 -6.62 16.00 -11.87
C PRO A 506 -6.26 17.14 -12.84
N GLU A 507 -6.26 18.41 -12.41
CA GLU A 507 -5.99 19.54 -13.35
C GLU A 507 -4.47 19.67 -13.62
N LYS A 508 -3.59 18.95 -12.92
CA LYS A 508 -2.12 18.99 -13.18
C LYS A 508 -1.76 17.79 -14.06
N LYS A 509 -1.11 18.03 -15.21
CA LYS A 509 -0.86 16.94 -16.20
C LYS A 509 0.61 16.94 -16.67
N GLN A 510 1.43 17.79 -16.09
CA GLN A 510 2.82 18.02 -16.55
C GLN A 510 3.73 17.89 -15.32
N ILE A 511 4.84 17.16 -15.44
CA ILE A 511 5.64 16.71 -14.26
C ILE A 511 6.22 17.91 -13.50
N ASP A 512 6.49 19.02 -14.19
CA ASP A 512 7.08 20.24 -13.59
C ASP A 512 6.03 21.18 -12.99
N SER A 513 4.74 20.85 -13.00
CA SER A 513 3.67 21.84 -12.68
C SER A 513 3.02 21.55 -11.32
N PHE A 514 3.57 20.65 -10.52
CA PHE A 514 2.96 20.28 -9.21
C PHE A 514 3.40 21.24 -8.11
N VAL A 515 2.58 21.31 -7.08
CA VAL A 515 2.87 22.02 -5.80
C VAL A 515 2.29 21.14 -4.71
N ALA A 516 2.71 21.35 -3.47
CA ALA A 516 2.38 20.49 -2.31
C ALA A 516 0.86 20.32 -2.21
N SER A 517 0.08 21.37 -2.55
CA SER A 517 -1.40 21.35 -2.34
C SER A 517 -2.09 20.43 -3.37
N ASP A 518 -1.36 19.97 -4.39
CA ASP A 518 -1.90 19.00 -5.39
C ASP A 518 -2.05 17.58 -4.81
N PHE A 519 -1.48 17.31 -3.64
CA PHE A 519 -1.48 15.94 -3.04
C PHE A 519 -2.41 15.93 -1.83
N ASP A 520 -3.47 15.13 -1.91
CA ASP A 520 -4.49 14.96 -0.86
C ASP A 520 -4.29 13.60 -0.20
N LEU A 521 -3.93 13.60 1.07
CA LEU A 521 -3.86 12.40 1.94
C LEU A 521 -5.09 12.39 2.85
N THR A 522 -5.91 11.35 2.78
CA THR A 522 -7.07 11.14 3.66
C THR A 522 -6.80 9.95 4.58
N GLY A 523 -7.12 10.10 5.86
CA GLY A 523 -7.22 8.97 6.79
C GLY A 523 -5.84 8.57 7.30
N TYR A 524 -4.92 9.52 7.43
CA TYR A 524 -3.58 9.24 8.00
C TYR A 524 -3.59 9.61 9.47
N ASP A 525 -3.60 8.60 10.34
CA ASP A 525 -3.59 8.83 11.81
C ASP A 525 -2.60 7.86 12.44
N PRO A 526 -1.29 8.17 12.39
CA PRO A 526 -0.29 7.27 12.91
C PRO A 526 -0.19 7.32 14.45
N HIS A 527 0.30 6.24 15.04
CA HIS A 527 0.66 6.13 16.48
C HIS A 527 1.61 7.25 16.88
N LYS A 528 1.59 7.66 18.16
CA LYS A 528 2.20 8.92 18.69
C LYS A 528 3.73 8.81 18.77
N LYS A 529 4.39 9.97 18.91
CA LYS A 529 5.88 10.17 18.84
C LYS A 529 6.63 8.99 19.48
#